data_6QW0
#
_entry.id   6QW0
#
_cell.length_a   100.847
_cell.length_b   107.848
_cell.length_c   58.200
_cell.angle_alpha   90.00
_cell.angle_beta   90.00
_cell.angle_gamma   90.00
#
_symmetry.space_group_name_H-M   'P 21 21 2'
#
loop_
_entity.id
_entity.type
_entity.pdbx_description
1 polymer 'RNA-dependent RNA polymerase'
2 non-polymer 'MANGANESE (III) ION'
3 non-polymer 'SULFATE ION'
4 non-polymer GLYCEROL
5 water water
#
_entity_poly.entity_id   1
_entity_poly.type   'polypeptide(L)'
_entity_poly.pdbx_seq_one_letter_code
;G(MSE)ERILKKQPAPVRALTIHPLRRYESSIYDTPIPAYVIKHSSDGVTIDIATSELADGQSGSTIQPFESVPAQNLTL
FKHDFTFGHLADTTDKKFVEVFGVLENRADDSDFQSPD(MSE)IIETETGHVYVVEFTTT(MSE)GDANSADLAARNKIA
KYEIACLDRSAIKPISLYIIAVHFNGVVSNLDLSDEEVNEIVFRFRLARDIFEELREINPALFD
;
_entity_poly.pdbx_strand_id   A,B
#
loop_
_chem_comp.id
_chem_comp.type
_chem_comp.name
_chem_comp.formula
GOL non-polymer GLYCEROL 'C3 H8 O3'
MN3 non-polymer 'MANGANESE (III) ION' 'Mn 3'
SO4 non-polymer 'SULFATE ION' 'O4 S -2'
#
# COMPACT_ATOMS: atom_id res chain seq x y z
N GLU A 3 -18.30 -4.35 -19.88
CA GLU A 3 -19.57 -3.86 -19.33
C GLU A 3 -20.11 -4.84 -18.28
N ARG A 4 -20.28 -4.35 -17.05
CA ARG A 4 -20.57 -5.20 -15.88
C ARG A 4 -22.06 -5.15 -15.56
N ILE A 5 -22.77 -6.23 -15.91
CA ILE A 5 -24.22 -6.27 -15.76
C ILE A 5 -24.65 -6.21 -14.30
N LEU A 6 -23.79 -6.58 -13.36
CA LEU A 6 -24.20 -6.55 -11.96
C LEU A 6 -24.38 -5.14 -11.45
N LYS A 7 -23.88 -4.13 -12.17
CA LYS A 7 -24.12 -2.75 -11.81
C LYS A 7 -25.45 -2.22 -12.28
N LYS A 8 -26.23 -3.03 -13.00
CA LYS A 8 -27.51 -2.61 -13.58
C LYS A 8 -28.70 -3.18 -12.82
N GLN A 9 -28.53 -3.50 -11.54
CA GLN A 9 -29.61 -4.12 -10.78
C GLN A 9 -30.46 -3.07 -10.07
N PRO A 10 -31.70 -3.42 -9.71
CA PRO A 10 -32.48 -2.54 -8.83
C PRO A 10 -31.72 -2.27 -7.54
N ALA A 11 -31.95 -1.11 -6.96
CA ALA A 11 -31.12 -0.65 -5.85
C ALA A 11 -31.41 -1.45 -4.59
N PRO A 12 -30.39 -1.81 -3.82
CA PRO A 12 -30.61 -2.44 -2.51
C PRO A 12 -31.04 -1.43 -1.47
N VAL A 13 -31.60 -1.95 -0.37
CA VAL A 13 -31.99 -1.09 0.74
C VAL A 13 -30.74 -0.39 1.27
N ARG A 14 -30.84 0.94 1.40
N ARG A 14 -30.83 0.94 1.37
CA ARG A 14 -29.70 1.75 1.83
CA ARG A 14 -29.72 1.77 1.85
C ARG A 14 -29.75 1.90 3.35
C ARG A 14 -29.82 1.85 3.37
N ALA A 15 -28.99 1.06 4.04
CA ALA A 15 -29.03 0.98 5.49
C ALA A 15 -27.71 0.38 5.96
N LEU A 16 -27.48 0.50 7.27
CA LEU A 16 -26.30 -0.09 7.91
C LEU A 16 -26.67 -1.45 8.51
N THR A 17 -25.89 -2.48 8.15
CA THR A 17 -26.03 -3.82 8.74
C THR A 17 -24.85 -4.08 9.65
N ILE A 18 -25.12 -4.50 10.89
CA ILE A 18 -24.06 -4.97 11.79
C ILE A 18 -24.43 -6.39 12.22
N HIS A 19 -23.64 -7.37 11.79
CA HIS A 19 -23.85 -8.75 12.25
C HIS A 19 -23.33 -8.88 13.67
N PRO A 20 -23.90 -9.80 14.47
CA PRO A 20 -23.53 -9.88 15.88
C PRO A 20 -22.11 -10.38 16.08
N LEU A 21 -21.41 -9.81 17.06
CA LEU A 21 -20.08 -10.27 17.43
C LEU A 21 -20.15 -11.67 18.04
N ARG A 22 -19.19 -12.51 17.66
CA ARG A 22 -19.05 -13.86 18.16
C ARG A 22 -17.68 -14.03 18.79
N ARG A 23 -17.60 -14.92 19.78
CA ARG A 23 -16.33 -15.26 20.40
C ARG A 23 -15.80 -16.56 19.80
N TYR A 24 -14.53 -16.56 19.42
CA TYR A 24 -13.86 -17.70 18.85
C TYR A 24 -12.64 -18.02 19.69
N GLU A 25 -12.41 -19.30 19.95
CA GLU A 25 -11.21 -19.71 20.67
C GLU A 25 -10.20 -20.30 19.70
N SER A 26 -8.92 -19.97 19.89
CA SER A 26 -7.89 -20.60 19.08
C SER A 26 -7.72 -22.06 19.47
N SER A 27 -7.14 -22.82 18.55
CA SER A 27 -6.87 -24.25 18.74
C SER A 27 -5.53 -24.57 18.12
N ILE A 28 -4.53 -23.76 18.45
CA ILE A 28 -3.21 -23.91 17.84
C ILE A 28 -2.48 -25.08 18.46
N TYR A 29 -2.63 -25.26 19.78
CA TYR A 29 -2.09 -26.39 20.51
C TYR A 29 -0.57 -26.33 20.46
N ASP A 30 0.12 -27.41 20.14
CA ASP A 30 1.58 -27.42 20.19
C ASP A 30 2.09 -27.44 18.76
N THR A 31 2.06 -26.26 18.11
CA THR A 31 2.42 -25.95 16.73
C THR A 31 3.77 -25.25 16.68
N PRO A 32 4.65 -25.62 15.74
CA PRO A 32 5.93 -24.92 15.63
C PRO A 32 5.75 -23.45 15.31
N ILE A 33 6.59 -22.64 15.93
CA ILE A 33 6.60 -21.19 15.75
C ILE A 33 7.93 -20.83 15.10
N PRO A 34 7.95 -20.09 14.01
CA PRO A 34 9.22 -19.87 13.31
C PRO A 34 10.16 -18.97 14.08
N ALA A 35 11.45 -19.30 14.00
CA ALA A 35 12.51 -18.44 14.51
C ALA A 35 12.54 -17.13 13.71
N TYR A 36 13.12 -16.11 14.33
CA TYR A 36 13.29 -14.81 13.68
C TYR A 36 14.64 -14.23 14.10
N VAL A 37 15.26 -13.50 13.19
CA VAL A 37 16.52 -12.80 13.45
C VAL A 37 16.28 -11.33 13.15
N ILE A 38 16.51 -10.47 14.14
CA ILE A 38 16.31 -9.03 14.01
C ILE A 38 17.69 -8.37 13.93
N LYS A 39 17.86 -7.50 12.93
CA LYS A 39 19.10 -6.78 12.72
C LYS A 39 18.81 -5.30 12.51
N HIS A 40 19.72 -4.45 12.95
CA HIS A 40 19.55 -3.00 12.79
C HIS A 40 19.78 -2.59 11.34
N VAL A 45 14.83 -1.65 11.35
CA VAL A 45 15.13 -3.06 11.57
C VAL A 45 14.82 -3.89 10.33
N THR A 46 15.48 -5.03 10.20
CA THR A 46 15.13 -6.08 9.26
C THR A 46 14.86 -7.36 10.04
N ILE A 47 13.92 -8.17 9.55
CA ILE A 47 13.52 -9.40 10.22
C ILE A 47 13.53 -10.56 9.22
N ASP A 48 14.36 -11.56 9.47
CA ASP A 48 14.37 -12.81 8.71
CA ASP A 48 14.35 -12.80 8.71
C ASP A 48 13.61 -13.86 9.52
N ILE A 49 12.48 -14.32 8.98
CA ILE A 49 11.63 -15.28 9.67
C ILE A 49 11.84 -16.65 9.03
N ALA A 50 12.09 -17.67 9.87
CA ALA A 50 12.47 -18.99 9.37
C ALA A 50 11.23 -19.79 8.96
N THR A 51 10.60 -19.34 7.87
CA THR A 51 9.39 -20.00 7.41
C THR A 51 9.64 -21.45 6.98
N SER A 52 10.91 -21.81 6.72
CA SER A 52 11.22 -23.20 6.42
C SER A 52 10.91 -24.13 7.57
N GLU A 53 10.83 -23.62 8.80
CA GLU A 53 10.57 -24.48 9.95
C GLU A 53 9.12 -24.93 10.05
N LEU A 54 8.20 -24.32 9.31
CA LEU A 54 6.80 -24.65 9.44
C LEU A 54 6.42 -25.80 8.50
N ALA A 55 5.56 -26.68 8.99
CA ALA A 55 5.04 -27.76 8.17
C ALA A 55 4.04 -27.22 7.16
N ASP A 56 3.99 -27.85 5.99
CA ASP A 56 3.06 -27.42 4.96
C ASP A 56 1.64 -27.46 5.49
N GLY A 57 0.94 -26.32 5.43
CA GLY A 57 -0.44 -26.24 5.83
C GLY A 57 -0.70 -26.01 7.31
N GLN A 58 0.33 -25.98 8.15
CA GLN A 58 0.14 -25.64 9.55
C GLN A 58 -0.21 -24.16 9.67
N SER A 59 -0.68 -23.77 10.85
CA SER A 59 -0.87 -22.33 11.12
C SER A 59 0.45 -21.59 10.91
N GLY A 60 0.35 -20.40 10.32
CA GLY A 60 1.49 -19.59 10.00
C GLY A 60 1.93 -19.64 8.55
N SER A 61 1.25 -20.41 7.71
CA SER A 61 1.65 -20.55 6.33
C SER A 61 1.52 -19.24 5.55
N THR A 62 0.78 -18.26 6.08
CA THR A 62 0.71 -16.98 5.38
C THR A 62 1.89 -16.06 5.68
N ILE A 63 2.80 -16.44 6.56
CA ILE A 63 3.89 -15.54 6.97
C ILE A 63 4.98 -15.57 5.91
N GLN A 64 5.44 -14.40 5.51
CA GLN A 64 6.52 -14.22 4.56
C GLN A 64 7.86 -14.16 5.28
N PRO A 65 8.94 -14.58 4.62
CA PRO A 65 10.23 -14.73 5.33
C PRO A 65 10.95 -13.44 5.67
N PHE A 66 10.68 -12.32 5.00
CA PHE A 66 11.50 -11.13 5.20
C PHE A 66 10.64 -9.89 5.38
N GLU A 67 10.99 -9.08 6.37
CA GLU A 67 10.23 -7.88 6.71
C GLU A 67 11.17 -6.71 6.96
N SER A 68 10.75 -5.54 6.50
CA SER A 68 11.37 -4.27 6.87
C SER A 68 10.43 -3.51 7.79
N VAL A 69 10.98 -2.91 8.83
CA VAL A 69 10.16 -2.15 9.76
C VAL A 69 10.70 -0.74 9.92
N GLN A 72 9.48 4.38 12.07
CA GLN A 72 8.21 5.09 12.11
C GLN A 72 7.01 4.14 12.08
N ASN A 73 7.28 2.85 11.81
CA ASN A 73 6.23 1.84 11.74
C ASN A 73 6.19 0.94 12.97
N LEU A 74 7.06 1.18 13.96
CA LEU A 74 7.16 0.26 15.09
C LEU A 74 5.91 0.28 15.96
N THR A 75 5.28 1.45 16.11
CA THR A 75 4.15 1.56 17.02
C THR A 75 2.96 0.74 16.58
N LEU A 76 2.77 0.56 15.27
CA LEU A 76 1.65 -0.21 14.76
C LEU A 76 2.08 -1.58 14.22
N PHE A 77 3.27 -2.03 14.62
CA PHE A 77 3.78 -3.28 14.05
C PHE A 77 2.91 -4.47 14.42
N LYS A 78 2.53 -4.58 15.70
CA LYS A 78 1.73 -5.73 16.12
C LYS A 78 0.43 -5.80 15.33
N HIS A 79 -0.23 -4.65 15.17
CA HIS A 79 -1.50 -4.62 14.44
C HIS A 79 -1.31 -4.98 12.97
N ASP A 80 -0.34 -4.34 12.32
CA ASP A 80 -0.17 -4.51 10.89
C ASP A 80 0.32 -5.91 10.56
N PHE A 81 1.23 -6.48 11.36
CA PHE A 81 1.70 -7.84 11.09
C PHE A 81 0.58 -8.85 11.32
N THR A 82 -0.18 -8.70 12.39
CA THR A 82 -1.22 -9.69 12.71
C THR A 82 -2.16 -9.88 11.53
N PHE A 83 -2.59 -8.79 10.91
CA PHE A 83 -3.64 -8.84 9.90
C PHE A 83 -3.09 -8.72 8.49
N GLY A 84 -1.78 -8.85 8.33
CA GLY A 84 -1.13 -8.62 7.04
C GLY A 84 -1.57 -9.56 5.95
N HIS A 85 -2.04 -10.76 6.29
CA HIS A 85 -2.53 -11.70 5.30
C HIS A 85 -3.92 -11.34 4.79
N LEU A 86 -4.60 -10.43 5.46
CA LEU A 86 -5.95 -10.00 5.07
C LEU A 86 -5.94 -8.66 4.36
N ALA A 87 -5.05 -7.77 4.76
CA ALA A 87 -5.01 -6.45 4.15
C ALA A 87 -3.66 -5.83 4.42
N ASP A 88 -3.11 -5.18 3.41
CA ASP A 88 -1.97 -4.32 3.66
C ASP A 88 -2.44 -3.05 4.37
N THR A 89 -1.50 -2.36 5.00
CA THR A 89 -1.79 -1.10 5.65
C THR A 89 -2.37 -0.12 4.63
N THR A 90 -3.33 0.70 5.07
CA THR A 90 -4.02 1.59 4.16
C THR A 90 -4.21 2.96 4.80
N ASP A 91 -4.38 3.96 3.92
CA ASP A 91 -4.81 5.30 4.29
C ASP A 91 -6.04 5.71 3.49
N LYS A 92 -6.84 4.74 3.06
CA LYS A 92 -8.03 5.02 2.26
C LYS A 92 -9.14 5.59 3.15
N LYS A 93 -9.60 6.80 2.82
CA LYS A 93 -10.58 7.53 3.60
C LYS A 93 -11.99 7.27 3.08
N PHE A 94 -12.97 7.42 3.97
CA PHE A 94 -14.37 7.38 3.54
C PHE A 94 -14.60 8.29 2.34
N VAL A 95 -13.98 9.47 2.34
CA VAL A 95 -14.26 10.47 1.31
C VAL A 95 -13.83 9.98 -0.07
N GLU A 96 -12.82 9.10 -0.13
CA GLU A 96 -12.41 8.57 -1.42
C GLU A 96 -13.44 7.65 -2.02
N VAL A 97 -14.31 7.05 -1.21
CA VAL A 97 -15.31 6.13 -1.69
C VAL A 97 -16.68 6.80 -1.86
N PHE A 98 -17.03 7.72 -0.95
CA PHE A 98 -18.37 8.30 -0.92
C PHE A 98 -18.45 9.76 -1.34
N GLY A 99 -17.33 10.49 -1.36
CA GLY A 99 -17.41 11.94 -1.44
C GLY A 99 -17.91 12.54 -0.14
N VAL A 100 -17.91 13.88 -0.03
CA VAL A 100 -18.35 14.52 1.20
C VAL A 100 -19.87 14.43 1.30
N LEU A 101 -20.37 14.53 2.53
CA LEU A 101 -21.80 14.62 2.81
C LEU A 101 -22.20 16.06 3.09
N GLU A 102 -23.43 16.41 2.68
CA GLU A 102 -23.99 17.73 2.92
C GLU A 102 -23.09 18.84 2.37
N ASN A 103 -22.41 18.56 1.26
CA ASN A 103 -21.62 19.56 0.53
C ASN A 103 -20.59 20.27 1.41
N ARG A 104 -20.11 19.59 2.46
CA ARG A 104 -19.12 20.18 3.36
C ARG A 104 -18.33 19.07 4.01
N ALA A 105 -17.00 19.12 3.86
CA ALA A 105 -16.14 18.11 4.47
C ALA A 105 -16.16 18.25 5.99
N ASP A 106 -16.08 17.11 6.69
CA ASP A 106 -15.94 17.11 8.14
C ASP A 106 -15.06 15.93 8.54
N ASP A 107 -14.92 15.73 9.86
CA ASP A 107 -13.97 14.74 10.36
C ASP A 107 -14.34 13.34 9.90
N SER A 108 -15.63 13.04 9.79
CA SER A 108 -16.03 11.70 9.37
CA SER A 108 -16.05 11.70 9.37
C SER A 108 -15.53 11.36 7.98
N ASP A 109 -15.41 12.37 7.11
CA ASP A 109 -14.92 12.11 5.75
C ASP A 109 -13.50 11.59 5.75
N PHE A 110 -12.72 11.92 6.78
CA PHE A 110 -11.29 11.64 6.79
C PHE A 110 -10.94 10.51 7.75
N GLN A 111 -11.94 9.81 8.28
CA GLN A 111 -11.67 8.56 8.97
C GLN A 111 -11.22 7.49 7.97
N SER A 112 -10.41 6.56 8.46
CA SER A 112 -9.78 5.55 7.60
C SER A 112 -9.80 4.19 8.28
N PRO A 113 -10.91 3.45 8.16
CA PRO A 113 -10.94 2.07 8.66
C PRO A 113 -9.96 1.21 7.90
N ASP A 114 -9.69 0.01 8.43
CA ASP A 114 -8.66 -0.84 7.82
C ASP A 114 -9.02 -1.27 6.40
N MSE A 115 -10.30 -1.48 6.12
CA MSE A 115 -10.72 -1.84 4.77
C MSE A 115 -12.06 -1.17 4.45
O MSE A 115 -12.95 -1.12 5.30
CB MSE A 115 -10.87 -3.36 4.60
CG MSE A 115 -9.71 -4.24 5.13
SE MSE A 115 -10.03 -6.10 4.71
CE MSE A 115 -9.60 -6.00 2.80
N ILE A 116 -12.18 -0.64 3.21
CA ILE A 116 -13.46 -0.24 2.64
C ILE A 116 -13.55 -0.93 1.28
N ILE A 117 -14.45 -1.89 1.16
CA ILE A 117 -14.55 -2.76 -0.01
C ILE A 117 -15.87 -2.47 -0.72
N GLU A 118 -15.79 -2.10 -2.00
CA GLU A 118 -16.94 -1.79 -2.83
CA GLU A 118 -16.96 -1.80 -2.82
C GLU A 118 -17.18 -2.94 -3.79
N THR A 119 -18.44 -3.41 -3.89
CA THR A 119 -18.81 -4.48 -4.80
C THR A 119 -19.62 -3.93 -5.98
N GLU A 120 -19.67 -4.71 -7.07
CA GLU A 120 -20.42 -4.28 -8.26
C GLU A 120 -21.91 -4.14 -7.97
N THR A 121 -22.44 -5.02 -7.12
CA THR A 121 -23.86 -4.96 -6.77
C THR A 121 -24.19 -3.68 -6.01
N GLY A 122 -23.17 -3.00 -5.47
CA GLY A 122 -23.38 -1.72 -4.83
C GLY A 122 -23.41 -1.73 -3.33
N HIS A 123 -22.95 -2.81 -2.70
N HIS A 123 -22.93 -2.80 -2.69
CA HIS A 123 -22.77 -2.82 -1.26
CA HIS A 123 -22.78 -2.86 -1.24
C HIS A 123 -21.36 -2.36 -0.93
C HIS A 123 -21.35 -2.50 -0.87
N VAL A 124 -21.18 -1.81 0.26
CA VAL A 124 -19.87 -1.41 0.75
C VAL A 124 -19.62 -2.13 2.07
N TYR A 125 -18.45 -2.75 2.19
CA TYR A 125 -18.09 -3.49 3.39
C TYR A 125 -16.96 -2.74 4.08
N VAL A 126 -17.17 -2.38 5.35
CA VAL A 126 -16.17 -1.67 6.13
C VAL A 126 -15.65 -2.64 7.19
N VAL A 127 -14.33 -2.82 7.23
CA VAL A 127 -13.71 -3.82 8.10
C VAL A 127 -12.66 -3.12 8.96
N GLU A 128 -12.70 -3.37 10.27
CA GLU A 128 -11.72 -2.77 11.17
C GLU A 128 -11.07 -3.87 12.00
N PHE A 129 -9.74 -3.82 12.08
CA PHE A 129 -8.93 -4.75 12.86
C PHE A 129 -8.48 -4.11 14.16
N THR A 130 -8.36 -4.91 15.21
CA THR A 130 -7.83 -4.36 16.45
C THR A 130 -7.23 -5.51 17.26
N THR A 131 -6.41 -5.15 18.24
CA THR A 131 -5.72 -6.13 19.09
C THR A 131 -5.95 -5.76 20.55
N THR A 132 -5.63 -6.71 21.43
CA THR A 132 -5.62 -6.42 22.86
C THR A 132 -4.56 -7.31 23.50
N MSE A 133 -3.89 -6.79 24.53
CA MSE A 133 -2.96 -7.58 25.31
C MSE A 133 -3.66 -8.26 26.48
O MSE A 133 -3.03 -8.97 27.27
CB MSE A 133 -1.81 -6.70 25.82
CG MSE A 133 -0.99 -6.06 24.72
SE MSE A 133 0.01 -7.38 23.71
CE MSE A 133 1.19 -8.01 25.15
N GLY A 134 -4.98 -8.07 26.58
CA GLY A 134 -5.78 -8.64 27.65
C GLY A 134 -6.46 -9.93 27.26
N ASP A 135 -7.58 -10.23 27.91
CA ASP A 135 -8.27 -11.50 27.73
C ASP A 135 -9.46 -11.32 26.78
N ALA A 136 -10.30 -12.35 26.70
CA ALA A 136 -11.40 -12.33 25.74
C ALA A 136 -12.39 -11.21 26.03
N ASN A 137 -12.65 -10.94 27.32
CA ASN A 137 -13.48 -9.79 27.66
C ASN A 137 -12.84 -8.49 27.18
N SER A 138 -11.51 -8.39 27.27
CA SER A 138 -10.85 -7.21 26.75
C SER A 138 -11.03 -7.11 25.24
N ALA A 139 -10.98 -8.25 24.54
CA ALA A 139 -11.18 -8.25 23.10
C ALA A 139 -12.60 -7.82 22.73
N ASP A 140 -13.59 -8.25 23.51
CA ASP A 140 -14.95 -7.80 23.22
C ASP A 140 -15.08 -6.29 23.42
N LEU A 141 -14.47 -5.74 24.46
CA LEU A 141 -14.50 -4.30 24.65
C LEU A 141 -13.80 -3.58 23.50
N ALA A 142 -12.67 -4.12 23.04
CA ALA A 142 -11.96 -3.49 21.94
C ALA A 142 -12.81 -3.49 20.67
N ALA A 143 -13.48 -4.60 20.39
CA ALA A 143 -14.38 -4.66 19.23
C ALA A 143 -15.49 -3.63 19.35
N ARG A 144 -16.10 -3.49 20.52
CA ARG A 144 -17.17 -2.52 20.68
C ARG A 144 -16.65 -1.09 20.60
N ASN A 145 -15.42 -0.85 21.03
CA ASN A 145 -14.85 0.48 20.87
C ASN A 145 -14.68 0.83 19.40
N LYS A 146 -14.30 -0.14 18.57
CA LYS A 146 -14.16 0.16 17.14
C LYS A 146 -15.51 0.36 16.48
N ILE A 147 -16.54 -0.38 16.90
CA ILE A 147 -17.88 -0.11 16.40
C ILE A 147 -18.27 1.32 16.74
N ALA A 148 -18.05 1.72 18.00
CA ALA A 148 -18.37 3.09 18.40
C ALA A 148 -17.59 4.12 17.59
N LYS A 149 -16.36 3.79 17.19
CA LYS A 149 -15.52 4.76 16.51
C LYS A 149 -16.02 5.04 15.10
N TYR A 150 -16.58 4.03 14.42
CA TYR A 150 -16.93 4.16 13.02
C TYR A 150 -18.43 4.16 12.73
N GLU A 151 -19.28 3.91 13.73
CA GLU A 151 -20.70 3.68 13.48
C GLU A 151 -21.39 4.91 12.92
N ILE A 152 -21.03 6.10 13.38
CA ILE A 152 -21.67 7.32 12.89
C ILE A 152 -21.35 7.52 11.42
N ALA A 153 -20.08 7.43 11.04
CA ALA A 153 -19.72 7.64 9.65
C ALA A 153 -20.36 6.58 8.76
N CYS A 154 -20.44 5.34 9.23
CA CYS A 154 -21.04 4.28 8.43
C CYS A 154 -22.55 4.46 8.30
N LEU A 155 -23.23 4.81 9.40
CA LEU A 155 -24.67 5.05 9.31
C LEU A 155 -24.98 6.16 8.31
N ASP A 156 -24.30 7.30 8.44
CA ASP A 156 -24.60 8.42 7.54
C ASP A 156 -24.35 8.05 6.08
N ARG A 157 -23.27 7.33 5.80
CA ARG A 157 -22.94 6.99 4.43
C ARG A 157 -23.78 5.83 3.90
N SER A 158 -24.45 5.07 4.78
CA SER A 158 -25.35 4.03 4.32
CA SER A 158 -25.33 4.02 4.30
C SER A 158 -26.51 4.58 3.53
N ALA A 159 -26.75 5.89 3.62
CA ALA A 159 -27.80 6.51 2.82
C ALA A 159 -27.42 6.56 1.35
N ILE A 160 -26.13 6.43 1.05
CA ILE A 160 -25.61 6.48 -0.31
C ILE A 160 -25.52 5.08 -0.89
N LYS A 161 -24.82 4.17 -0.20
CA LYS A 161 -24.75 2.77 -0.56
C LYS A 161 -24.86 2.00 0.75
N PRO A 162 -25.54 0.86 0.75
CA PRO A 162 -25.63 0.06 1.98
C PRO A 162 -24.24 -0.37 2.44
N ILE A 163 -24.05 -0.33 3.76
CA ILE A 163 -22.77 -0.70 4.38
C ILE A 163 -23.03 -1.85 5.35
N SER A 164 -22.11 -2.82 5.37
CA SER A 164 -22.03 -3.78 6.47
C SER A 164 -20.71 -3.53 7.20
N LEU A 165 -20.77 -3.44 8.52
CA LEU A 165 -19.61 -3.10 9.34
C LEU A 165 -19.10 -4.34 10.05
N TYR A 166 -17.84 -4.71 9.79
CA TYR A 166 -17.25 -5.92 10.35
C TYR A 166 -16.04 -5.56 11.19
N ILE A 167 -15.84 -6.31 12.28
CA ILE A 167 -14.73 -6.09 13.22
C ILE A 167 -14.03 -7.40 13.44
N ILE A 168 -12.70 -7.37 13.54
CA ILE A 168 -11.91 -8.50 14.05
C ILE A 168 -11.05 -7.97 15.20
N ALA A 169 -11.27 -8.51 16.42
CA ALA A 169 -10.46 -8.17 17.59
C ALA A 169 -9.73 -9.41 18.06
N VAL A 170 -8.38 -9.38 18.06
CA VAL A 170 -7.58 -10.55 18.43
C VAL A 170 -7.07 -10.41 19.86
N HIS A 171 -7.03 -11.53 20.57
CA HIS A 171 -6.33 -11.65 21.84
C HIS A 171 -5.48 -12.92 21.79
N PHE A 172 -4.72 -13.15 22.87
CA PHE A 172 -3.75 -14.25 22.84
C PHE A 172 -4.40 -15.60 22.61
N ASN A 173 -5.67 -15.76 23.03
CA ASN A 173 -6.32 -17.06 22.96
C ASN A 173 -7.55 -17.06 22.04
N GLY A 174 -7.71 -16.09 21.16
CA GLY A 174 -8.86 -16.18 20.27
C GLY A 174 -9.14 -14.86 19.58
N VAL A 175 -10.36 -14.76 19.05
CA VAL A 175 -10.80 -13.64 18.25
C VAL A 175 -12.24 -13.34 18.60
N VAL A 176 -12.59 -12.06 18.70
CA VAL A 176 -13.98 -11.62 18.72
C VAL A 176 -14.26 -10.96 17.38
N SER A 177 -15.24 -11.48 16.66
CA SER A 177 -15.51 -10.97 15.31
C SER A 177 -16.96 -11.25 14.95
N ASN A 178 -17.53 -10.41 14.08
CA ASN A 178 -18.83 -10.72 13.52
C ASN A 178 -18.71 -11.29 12.10
N LEU A 179 -17.50 -11.56 11.62
CA LEU A 179 -17.36 -12.45 10.48
C LEU A 179 -17.62 -13.89 10.92
N ASP A 180 -17.90 -14.75 9.95
CA ASP A 180 -18.11 -16.18 10.17
C ASP A 180 -16.80 -16.91 9.82
N LEU A 181 -15.96 -17.12 10.83
CA LEU A 181 -14.58 -17.57 10.61
C LEU A 181 -14.43 -19.06 10.88
N SER A 182 -13.60 -19.71 10.07
CA SER A 182 -13.26 -21.11 10.35
C SER A 182 -12.22 -21.19 11.46
N ASP A 183 -12.09 -22.39 12.04
CA ASP A 183 -11.05 -22.63 13.04
C ASP A 183 -9.67 -22.25 12.49
N GLU A 184 -9.39 -22.61 11.24
CA GLU A 184 -8.08 -22.29 10.65
C GLU A 184 -7.90 -20.80 10.45
N GLU A 185 -8.97 -20.07 10.12
CA GLU A 185 -8.84 -18.63 9.97
C GLU A 185 -8.60 -17.95 11.30
N VAL A 186 -9.31 -18.39 12.36
CA VAL A 186 -9.06 -17.88 13.70
C VAL A 186 -7.62 -18.15 14.12
N ASN A 187 -7.17 -19.39 13.89
CA ASN A 187 -5.82 -19.77 14.27
C ASN A 187 -4.75 -18.95 13.54
N GLU A 188 -4.98 -18.60 12.27
CA GLU A 188 -3.96 -17.83 11.56
C GLU A 188 -3.82 -16.43 12.15
N ILE A 189 -4.95 -15.79 12.46
CA ILE A 189 -4.90 -14.48 13.10
C ILE A 189 -4.20 -14.56 14.45
N VAL A 190 -4.61 -15.51 15.29
CA VAL A 190 -4.01 -15.64 16.62
C VAL A 190 -2.53 -16.01 16.51
N PHE A 191 -2.20 -16.97 15.63
CA PHE A 191 -0.80 -17.36 15.46
C PHE A 191 0.08 -16.16 15.07
N ARG A 192 -0.38 -15.36 14.11
CA ARG A 192 0.38 -14.18 13.69
C ARG A 192 0.49 -13.15 14.81
N PHE A 193 -0.59 -12.99 15.60
CA PHE A 193 -0.57 -12.05 16.72
C PHE A 193 0.46 -12.46 17.76
N ARG A 194 0.49 -13.76 18.09
CA ARG A 194 1.44 -14.24 19.10
C ARG A 194 2.87 -14.00 18.64
N LEU A 195 3.14 -14.27 17.37
CA LEU A 195 4.48 -14.05 16.85
C LEU A 195 4.82 -12.56 16.82
N ALA A 196 3.84 -11.73 16.47
CA ALA A 196 4.05 -10.28 16.46
C ALA A 196 4.38 -9.76 17.85
N ARG A 197 3.72 -10.31 18.88
CA ARG A 197 4.04 -9.91 20.25
C ARG A 197 5.46 -10.30 20.62
N ASP A 198 5.90 -11.50 20.22
CA ASP A 198 7.27 -11.93 20.51
C ASP A 198 8.28 -10.99 19.84
N ILE A 199 8.04 -10.67 18.57
CA ILE A 199 8.96 -9.80 17.83
C ILE A 199 8.95 -8.40 18.42
N PHE A 200 7.75 -7.89 18.73
CA PHE A 200 7.63 -6.53 19.24
C PHE A 200 8.39 -6.35 20.55
N GLU A 201 8.34 -7.35 21.43
CA GLU A 201 9.03 -7.21 22.71
C GLU A 201 10.53 -7.08 22.54
N GLU A 202 11.08 -7.71 21.50
CA GLU A 202 12.51 -7.57 21.22
C GLU A 202 12.81 -6.34 20.38
N LEU A 203 11.85 -5.87 19.57
CA LEU A 203 12.04 -4.64 18.82
C LEU A 203 12.04 -3.42 19.72
N ARG A 204 11.18 -3.41 20.75
CA ARG A 204 11.10 -2.30 21.67
C ARG A 204 12.39 -2.09 22.45
N GLU A 205 13.37 -2.97 22.31
CA GLU A 205 14.66 -2.81 22.95
C GLU A 205 15.68 -2.31 21.93
N GLU B 3 -4.18 -21.65 -16.17
CA GLU B 3 -2.83 -22.04 -16.60
C GLU B 3 -2.25 -21.02 -17.60
N ARG B 4 -1.14 -20.39 -17.21
CA ARG B 4 -0.58 -19.24 -17.94
C ARG B 4 0.49 -19.74 -18.90
N ILE B 5 0.14 -19.82 -20.18
CA ILE B 5 1.04 -20.41 -21.17
C ILE B 5 2.30 -19.57 -21.40
N LEU B 6 2.25 -18.26 -21.13
CA LEU B 6 3.44 -17.45 -21.37
C LEU B 6 4.58 -17.77 -20.42
N LYS B 7 4.31 -18.51 -19.33
CA LYS B 7 5.35 -18.99 -18.42
C LYS B 7 6.08 -20.22 -18.93
N LYS B 8 5.65 -20.77 -20.06
CA LYS B 8 6.21 -22.00 -20.60
C LYS B 8 7.13 -21.76 -21.79
N GLN B 9 7.76 -20.59 -21.85
CA GLN B 9 8.59 -20.26 -23.00
C GLN B 9 10.04 -20.65 -22.76
N PRO B 10 10.82 -20.82 -23.83
CA PRO B 10 12.26 -21.05 -23.69
C PRO B 10 12.95 -19.93 -22.93
N ALA B 11 14.13 -20.26 -22.39
CA ALA B 11 14.89 -19.33 -21.57
C ALA B 11 15.27 -18.09 -22.37
N PRO B 12 15.11 -16.91 -21.78
CA PRO B 12 15.65 -15.69 -22.40
C PRO B 12 17.12 -15.51 -22.04
N VAL B 13 17.70 -14.45 -22.59
CA VAL B 13 19.00 -14.02 -22.12
C VAL B 13 18.83 -13.38 -20.76
N ARG B 14 19.59 -13.87 -19.77
CA ARG B 14 19.51 -13.35 -18.42
C ARG B 14 20.58 -12.28 -18.24
N ALA B 15 20.17 -11.03 -18.39
CA ALA B 15 21.09 -9.90 -18.38
C ALA B 15 20.33 -8.66 -17.99
N LEU B 16 21.10 -7.60 -17.72
CA LEU B 16 20.53 -6.31 -17.33
C LEU B 16 20.50 -5.40 -18.55
N THR B 17 19.34 -4.84 -18.85
CA THR B 17 19.18 -3.86 -19.93
C THR B 17 18.95 -2.47 -19.33
N ILE B 18 19.69 -1.47 -19.79
CA ILE B 18 19.41 -0.09 -19.40
C ILE B 18 19.27 0.74 -20.68
N HIS B 19 18.05 1.20 -20.95
CA HIS B 19 17.84 2.08 -22.09
C HIS B 19 18.41 3.46 -21.77
N PRO B 20 18.84 4.21 -22.78
CA PRO B 20 19.49 5.50 -22.52
C PRO B 20 18.54 6.55 -21.96
N LEU B 21 19.06 7.36 -21.04
CA LEU B 21 18.28 8.47 -20.53
C LEU B 21 18.07 9.51 -21.61
N ARG B 22 16.85 10.06 -21.64
CA ARG B 22 16.43 11.10 -22.57
C ARG B 22 15.95 12.30 -21.76
N ARG B 23 16.07 13.49 -22.34
CA ARG B 23 15.54 14.70 -21.71
C ARG B 23 14.24 15.11 -22.35
N TYR B 24 13.27 15.48 -21.51
CA TYR B 24 11.95 15.91 -21.94
C TYR B 24 11.66 17.26 -21.32
N GLU B 25 11.05 18.15 -22.09
CA GLU B 25 10.62 19.45 -21.59
C GLU B 25 9.11 19.47 -21.49
N SER B 26 8.59 19.98 -20.38
CA SER B 26 7.15 20.13 -20.24
C SER B 26 6.64 21.24 -21.16
N SER B 27 5.35 21.16 -21.44
CA SER B 27 4.64 22.12 -22.27
C SER B 27 3.32 22.49 -21.59
N ILE B 28 3.42 22.78 -20.30
CA ILE B 28 2.29 23.26 -19.50
C ILE B 28 2.21 24.76 -19.71
N TYR B 29 1.18 25.21 -20.43
CA TYR B 29 1.05 26.62 -20.74
C TYR B 29 -0.29 27.15 -20.28
N ASP B 30 -0.25 28.26 -19.55
CA ASP B 30 -1.44 28.88 -18.95
C ASP B 30 -2.30 27.85 -18.23
N THR B 31 -1.66 27.01 -17.42
CA THR B 31 -2.35 26.06 -16.56
C THR B 31 -1.75 26.17 -15.16
N PRO B 32 -2.25 27.11 -14.36
CA PRO B 32 -1.73 27.23 -12.98
C PRO B 32 -2.14 26.04 -12.13
N ILE B 33 -1.31 25.74 -11.14
CA ILE B 33 -1.63 24.67 -10.21
C ILE B 33 -2.92 25.05 -9.50
N PRO B 34 -3.75 24.09 -9.13
CA PRO B 34 -5.06 24.40 -8.55
C PRO B 34 -4.96 24.86 -7.10
N ALA B 35 -6.03 25.52 -6.66
CA ALA B 35 -6.19 25.85 -5.25
C ALA B 35 -6.51 24.59 -4.45
N TYR B 36 -6.15 24.63 -3.17
CA TYR B 36 -6.36 23.49 -2.28
C TYR B 36 -6.44 23.96 -0.83
N VAL B 37 -7.03 23.12 0.01
CA VAL B 37 -7.09 23.32 1.45
C VAL B 37 -6.53 22.08 2.13
N ILE B 38 -5.68 22.29 3.12
CA ILE B 38 -5.02 21.20 3.84
C ILE B 38 -5.84 20.83 5.07
N LYS B 39 -5.99 19.53 5.28
CA LYS B 39 -6.69 19.04 6.49
C LYS B 39 -5.71 18.40 7.47
N VAL B 45 -2.47 13.64 6.83
CA VAL B 45 -3.19 14.79 6.29
C VAL B 45 -3.89 14.42 4.99
N THR B 46 -4.96 15.14 4.68
CA THR B 46 -5.68 15.03 3.43
C THR B 46 -5.74 16.42 2.79
N ILE B 47 -5.51 16.49 1.49
CA ILE B 47 -5.50 17.77 0.78
C ILE B 47 -6.77 17.82 -0.07
N ASP B 48 -7.64 18.79 0.24
CA ASP B 48 -8.84 19.04 -0.53
C ASP B 48 -8.48 19.94 -1.71
N ILE B 49 -8.41 19.36 -2.90
CA ILE B 49 -7.94 20.06 -4.09
C ILE B 49 -9.13 20.44 -4.95
N ALA B 50 -9.14 21.69 -5.42
CA ALA B 50 -10.16 22.18 -6.34
C ALA B 50 -9.85 21.67 -7.74
N THR B 51 -10.21 20.41 -7.97
CA THR B 51 -9.93 19.80 -9.27
C THR B 51 -10.88 20.26 -10.36
N SER B 52 -11.95 20.99 -10.02
CA SER B 52 -12.80 21.56 -11.06
C SER B 52 -12.03 22.58 -11.89
N GLU B 53 -11.01 23.23 -11.32
CA GLU B 53 -10.20 24.17 -12.09
C GLU B 53 -9.54 23.49 -13.28
N LEU B 54 -9.29 22.20 -13.19
CA LEU B 54 -8.58 21.46 -14.23
C LEU B 54 -9.55 20.86 -15.25
CA GLN B 58 -5.50 18.53 -19.77
C GLN B 58 -4.45 18.04 -18.77
N SER B 59 -3.63 18.96 -18.27
CA SER B 59 -2.67 18.63 -17.23
C SER B 59 -3.37 18.57 -15.87
N GLY B 60 -3.07 17.53 -15.11
CA GLY B 60 -3.65 17.36 -13.80
C GLY B 60 -4.87 16.47 -13.75
N SER B 61 -5.23 15.80 -14.86
CA SER B 61 -6.44 14.98 -14.86
C SER B 61 -6.34 13.80 -13.90
N THR B 62 -5.13 13.41 -13.49
CA THR B 62 -4.97 12.30 -12.57
C THR B 62 -5.07 12.71 -11.11
N ILE B 63 -5.15 14.00 -10.82
CA ILE B 63 -5.21 14.47 -9.43
C ILE B 63 -6.63 14.27 -8.91
N GLN B 64 -6.74 13.71 -7.70
CA GLN B 64 -8.02 13.37 -7.12
C GLN B 64 -8.57 14.54 -6.30
N PRO B 65 -9.91 14.62 -6.13
CA PRO B 65 -10.46 15.69 -5.29
C PRO B 65 -9.87 15.74 -3.89
N PHE B 66 -9.54 14.57 -3.33
CA PHE B 66 -8.92 14.47 -2.01
C PHE B 66 -7.70 13.59 -2.12
N GLU B 67 -6.54 14.14 -1.79
CA GLU B 67 -5.28 13.41 -1.82
C GLU B 67 -4.76 13.32 -0.38
N SER B 68 -4.74 12.11 0.16
CA SER B 68 -4.23 11.90 1.50
C SER B 68 -2.85 11.26 1.44
N VAL B 69 -2.05 11.51 2.47
CA VAL B 69 -0.74 10.91 2.59
C VAL B 69 -0.42 10.69 4.07
N LEU B 74 5.59 11.42 4.99
CA LEU B 74 5.52 12.87 5.18
C LEU B 74 6.78 13.54 4.65
N THR B 75 7.94 13.01 5.04
CA THR B 75 9.20 13.51 4.52
C THR B 75 9.39 13.16 3.05
N LEU B 76 8.64 12.18 2.55
CA LEU B 76 8.67 11.81 1.14
C LEU B 76 7.46 12.33 0.39
N PHE B 77 6.79 13.35 0.91
CA PHE B 77 5.52 13.77 0.35
C PHE B 77 5.66 14.19 -1.11
N LYS B 78 6.64 15.04 -1.41
CA LYS B 78 6.76 15.55 -2.78
C LYS B 78 6.99 14.42 -3.76
N HIS B 79 7.85 13.46 -3.40
CA HIS B 79 8.13 12.32 -4.24
C HIS B 79 6.88 11.45 -4.43
N ASP B 80 6.20 11.12 -3.33
CA ASP B 80 5.07 10.21 -3.42
C ASP B 80 3.88 10.84 -4.15
N PHE B 81 3.60 12.13 -3.89
CA PHE B 81 2.52 12.79 -4.61
C PHE B 81 2.82 12.90 -6.10
N THR B 82 4.03 13.29 -6.46
CA THR B 82 4.37 13.51 -7.86
C THR B 82 4.07 12.26 -8.70
N PHE B 83 4.44 11.09 -8.20
CA PHE B 83 4.36 9.88 -8.99
C PHE B 83 3.19 8.99 -8.60
N GLY B 84 2.24 9.52 -7.83
CA GLY B 84 1.14 8.71 -7.31
C GLY B 84 0.21 8.14 -8.36
N HIS B 85 0.15 8.75 -9.54
CA HIS B 85 -0.67 8.23 -10.64
C HIS B 85 -0.02 7.03 -11.33
N LEU B 86 1.27 6.80 -11.09
CA LEU B 86 1.99 5.69 -11.69
C LEU B 86 2.17 4.53 -10.74
N ALA B 87 2.31 4.80 -9.44
CA ALA B 87 2.48 3.74 -8.46
C ALA B 87 2.14 4.29 -7.09
N ASP B 88 1.47 3.47 -6.29
CA ASP B 88 1.38 3.74 -4.86
C ASP B 88 2.74 3.57 -4.22
N THR B 89 2.94 4.24 -3.09
CA THR B 89 4.16 4.03 -2.33
C THR B 89 4.28 2.57 -1.96
N THR B 90 5.52 2.07 -1.93
CA THR B 90 5.75 0.64 -1.82
C THR B 90 6.86 0.35 -0.84
N ASP B 91 6.81 -0.84 -0.26
CA ASP B 91 7.92 -1.40 0.50
C ASP B 91 8.39 -2.73 -0.08
N LYS B 92 7.97 -3.06 -1.31
CA LYS B 92 8.32 -4.32 -1.94
C LYS B 92 9.82 -4.40 -2.19
N LYS B 93 10.46 -5.45 -1.68
CA LYS B 93 11.90 -5.60 -1.70
C LYS B 93 12.31 -6.57 -2.80
N PHE B 94 13.58 -6.47 -3.23
CA PHE B 94 14.10 -7.42 -4.21
C PHE B 94 13.85 -8.86 -3.79
N VAL B 95 14.02 -9.15 -2.51
CA VAL B 95 13.94 -10.54 -2.05
C VAL B 95 12.55 -11.12 -2.27
N GLU B 96 11.50 -10.29 -2.27
CA GLU B 96 10.15 -10.82 -2.49
C GLU B 96 9.95 -11.30 -3.92
N VAL B 97 10.74 -10.82 -4.87
CA VAL B 97 10.65 -11.26 -6.25
C VAL B 97 11.67 -12.34 -6.58
N PHE B 98 12.90 -12.18 -6.08
CA PHE B 98 14.01 -13.02 -6.51
C PHE B 98 14.43 -14.05 -5.48
N GLY B 99 14.03 -13.89 -4.23
CA GLY B 99 14.61 -14.67 -3.16
C GLY B 99 16.02 -14.20 -2.89
N VAL B 100 16.63 -14.79 -1.86
N VAL B 100 16.63 -14.80 -1.87
CA VAL B 100 17.98 -14.42 -1.49
CA VAL B 100 17.97 -14.44 -1.48
C VAL B 100 18.94 -14.88 -2.57
C VAL B 100 18.96 -14.89 -2.56
N LEU B 101 19.97 -14.07 -2.81
CA LEU B 101 20.93 -14.37 -3.86
C LEU B 101 22.15 -15.12 -3.32
N ARG B 104 23.06 -16.21 1.84
CA ARG B 104 22.61 -15.41 2.97
C ARG B 104 22.00 -14.09 2.51
N ALA B 105 20.97 -13.64 3.24
CA ALA B 105 20.34 -12.36 2.91
C ALA B 105 21.27 -11.21 3.28
N ASP B 106 21.39 -10.23 2.38
CA ASP B 106 22.18 -9.05 2.69
C ASP B 106 21.42 -7.77 2.36
N ASP B 107 22.12 -6.64 2.41
CA ASP B 107 21.46 -5.34 2.23
C ASP B 107 20.78 -5.25 0.86
N SER B 108 21.39 -5.83 -0.16
CA SER B 108 20.80 -5.75 -1.50
C SER B 108 19.45 -6.44 -1.55
N ASP B 109 19.25 -7.53 -0.79
CA ASP B 109 17.98 -8.24 -0.80
C ASP B 109 16.85 -7.38 -0.25
N PHE B 110 17.16 -6.43 0.63
CA PHE B 110 16.15 -5.58 1.26
C PHE B 110 15.96 -4.24 0.56
N GLN B 111 16.74 -3.94 -0.47
CA GLN B 111 16.51 -2.72 -1.22
C GLN B 111 15.13 -2.76 -1.87
N SER B 112 14.50 -1.59 -1.93
CA SER B 112 13.11 -1.49 -2.37
C SER B 112 12.97 -0.34 -3.37
N PRO B 113 13.20 -0.60 -4.65
CA PRO B 113 12.91 0.40 -5.67
C PRO B 113 11.42 0.71 -5.71
N ASP B 114 11.07 1.81 -6.37
CA ASP B 114 9.68 2.24 -6.37
C ASP B 114 8.74 1.23 -7.01
N MSE B 115 9.23 0.51 -8.03
CA MSE B 115 8.44 -0.54 -8.65
C MSE B 115 9.33 -1.73 -9.02
O MSE B 115 10.43 -1.53 -9.55
CB MSE B 115 7.72 -0.06 -9.91
CG MSE B 115 6.87 1.22 -9.75
SE MSE B 115 6.01 1.69 -11.40
CE MSE B 115 4.44 0.54 -11.18
N ILE B 116 8.88 -2.96 -8.72
CA ILE B 116 9.48 -4.18 -9.29
C ILE B 116 8.32 -4.93 -9.91
N ILE B 117 8.30 -4.98 -11.24
CA ILE B 117 7.17 -5.53 -12.00
C ILE B 117 7.63 -6.82 -12.66
N GLU B 118 6.96 -7.92 -12.35
CA GLU B 118 7.28 -9.21 -12.96
C GLU B 118 6.20 -9.58 -13.97
N THR B 119 6.61 -9.93 -15.18
CA THR B 119 5.67 -10.29 -16.23
C THR B 119 5.52 -11.81 -16.30
N GLU B 120 4.43 -12.24 -16.96
CA GLU B 120 4.20 -13.67 -17.13
C GLU B 120 5.30 -14.32 -17.95
N THR B 121 5.87 -13.59 -18.90
N THR B 121 5.86 -13.60 -18.92
CA THR B 121 6.97 -14.11 -19.73
CA THR B 121 6.96 -14.17 -19.70
C THR B 121 8.28 -14.21 -18.96
C THR B 121 8.19 -14.43 -18.83
N GLY B 122 8.35 -13.70 -17.75
CA GLY B 122 9.50 -13.85 -16.89
C GLY B 122 10.51 -12.72 -16.90
N HIS B 123 10.20 -11.58 -17.51
N HIS B 123 10.21 -11.58 -17.53
CA HIS B 123 11.06 -10.41 -17.45
CA HIS B 123 11.06 -10.41 -17.45
C HIS B 123 10.68 -9.55 -16.26
C HIS B 123 10.68 -9.60 -16.21
N VAL B 124 11.67 -8.92 -15.63
CA VAL B 124 11.44 -8.09 -14.46
C VAL B 124 11.80 -6.66 -14.82
N TYR B 125 10.89 -5.72 -14.52
CA TYR B 125 11.14 -4.30 -14.74
C TYR B 125 11.29 -3.61 -13.40
N VAL B 126 12.41 -2.93 -13.21
CA VAL B 126 12.68 -2.17 -12.00
C VAL B 126 12.56 -0.70 -12.36
N VAL B 127 11.70 0.04 -11.66
CA VAL B 127 11.45 1.46 -11.96
C VAL B 127 11.73 2.25 -10.70
N GLU B 128 12.55 3.29 -10.81
CA GLU B 128 12.82 4.18 -9.68
C GLU B 128 12.47 5.61 -10.05
N PHE B 129 11.71 6.28 -9.16
CA PHE B 129 11.34 7.69 -9.29
C PHE B 129 12.27 8.56 -8.46
N THR B 130 12.51 9.78 -8.93
CA THR B 130 13.28 10.71 -8.11
C THR B 130 12.94 12.13 -8.53
N THR B 131 13.38 13.09 -7.73
CA THR B 131 13.05 14.49 -7.93
C THR B 131 14.30 15.33 -7.76
N THR B 132 14.24 16.57 -8.26
CA THR B 132 15.26 17.54 -7.93
C THR B 132 14.62 18.91 -7.84
N MSE B 133 15.22 19.76 -7.02
CA MSE B 133 14.85 21.16 -6.94
C MSE B 133 15.63 22.00 -7.96
O MSE B 133 15.38 23.20 -8.11
CB MSE B 133 15.09 21.68 -5.52
CG MSE B 133 14.42 20.85 -4.44
SE MSE B 133 12.52 21.18 -4.50
CE MSE B 133 12.60 22.96 -3.69
N GLY B 134 16.54 21.39 -8.69
CA GLY B 134 17.37 22.09 -9.67
C GLY B 134 16.82 22.02 -11.08
N ASP B 135 17.74 22.10 -12.05
CA ASP B 135 17.38 22.18 -13.46
C ASP B 135 17.56 20.81 -14.13
N ALA B 136 17.51 20.81 -15.47
CA ALA B 136 17.58 19.54 -16.20
C ALA B 136 18.90 18.83 -15.96
N ASN B 137 19.99 19.58 -15.86
CA ASN B 137 21.27 18.95 -15.53
C ASN B 137 21.21 18.31 -14.15
N SER B 138 20.57 18.98 -13.19
N SER B 138 20.57 18.98 -13.19
CA SER B 138 20.41 18.42 -11.86
CA SER B 138 20.43 18.41 -11.85
C SER B 138 19.59 17.14 -11.92
C SER B 138 19.56 17.16 -11.88
N ALA B 139 18.55 17.12 -12.76
CA ALA B 139 17.71 15.94 -12.87
C ALA B 139 18.46 14.79 -13.50
N ASP B 140 19.33 15.08 -14.48
CA ASP B 140 20.19 14.03 -15.03
C ASP B 140 21.05 13.42 -13.94
N LEU B 141 21.68 14.27 -13.12
CA LEU B 141 22.48 13.78 -12.00
C LEU B 141 21.64 12.93 -11.04
N ALA B 142 20.43 13.37 -10.73
CA ALA B 142 19.56 12.58 -9.85
C ALA B 142 19.28 11.21 -10.45
N ALA B 143 19.03 11.17 -11.77
CA ALA B 143 18.79 9.88 -12.43
C ALA B 143 20.01 8.98 -12.34
N ARG B 144 21.20 9.54 -12.61
CA ARG B 144 22.41 8.73 -12.53
C ARG B 144 22.68 8.26 -11.12
N ASN B 145 22.31 9.05 -10.11
CA ASN B 145 22.47 8.59 -8.74
C ASN B 145 21.60 7.39 -8.43
N LYS B 146 20.38 7.35 -8.98
CA LYS B 146 19.52 6.19 -8.74
C LYS B 146 19.98 4.98 -9.54
N ILE B 147 20.55 5.19 -10.74
CA ILE B 147 21.17 4.08 -11.45
C ILE B 147 22.31 3.50 -10.62
N ALA B 148 23.16 4.37 -10.08
CA ALA B 148 24.26 3.89 -9.25
C ALA B 148 23.75 3.17 -8.00
N LYS B 149 22.62 3.61 -7.44
CA LYS B 149 22.11 3.01 -6.21
C LYS B 149 21.66 1.59 -6.43
N TYR B 150 21.04 1.30 -7.58
CA TYR B 150 20.39 0.02 -7.79
C TYR B 150 21.07 -0.87 -8.83
N GLU B 151 22.10 -0.39 -9.54
CA GLU B 151 22.61 -1.13 -10.70
C GLU B 151 23.24 -2.46 -10.29
N ILE B 152 23.96 -2.49 -9.17
CA ILE B 152 24.62 -3.73 -8.75
C ILE B 152 23.60 -4.78 -8.34
N ALA B 153 22.61 -4.39 -7.52
CA ALA B 153 21.56 -5.32 -7.14
C ALA B 153 20.83 -5.88 -8.36
N CYS B 154 20.54 -5.02 -9.34
CA CYS B 154 19.87 -5.47 -10.56
C CYS B 154 20.77 -6.36 -11.40
N LEU B 155 22.03 -5.97 -11.55
CA LEU B 155 22.95 -6.81 -12.33
C LEU B 155 23.02 -8.21 -11.74
N ASP B 156 23.26 -8.30 -10.43
CA ASP B 156 23.39 -9.62 -9.81
C ASP B 156 22.13 -10.44 -10.00
N ARG B 157 20.96 -9.82 -9.83
CA ARG B 157 19.71 -10.57 -9.94
C ARG B 157 19.30 -10.84 -11.37
N SER B 158 19.91 -10.15 -12.35
CA SER B 158 19.59 -10.44 -13.74
CA SER B 158 19.64 -10.42 -13.76
C SER B 158 20.05 -11.83 -14.16
N ALA B 159 20.90 -12.47 -13.35
CA ALA B 159 21.26 -13.86 -13.60
C ALA B 159 20.10 -14.80 -13.36
N ILE B 160 19.12 -14.37 -12.58
CA ILE B 160 17.94 -15.16 -12.27
C ILE B 160 16.83 -14.92 -13.28
N LYS B 161 16.46 -13.64 -13.49
CA LYS B 161 15.48 -13.26 -14.49
C LYS B 161 16.03 -11.99 -15.10
N PRO B 162 15.88 -11.81 -16.42
CA PRO B 162 16.35 -10.56 -17.04
C PRO B 162 15.62 -9.36 -16.46
N ILE B 163 16.36 -8.27 -16.31
CA ILE B 163 15.85 -7.04 -15.73
C ILE B 163 16.10 -5.89 -16.68
N SER B 164 15.11 -5.02 -16.83
CA SER B 164 15.31 -3.69 -17.41
C SER B 164 15.13 -2.66 -16.30
N LEU B 165 16.07 -1.72 -16.21
CA LEU B 165 16.09 -0.70 -15.16
C LEU B 165 15.66 0.63 -15.74
N TYR B 166 14.57 1.19 -15.21
CA TYR B 166 14.02 2.45 -15.71
C TYR B 166 14.03 3.49 -14.59
N ILE B 167 14.29 4.74 -14.97
CA ILE B 167 14.39 5.86 -14.04
C ILE B 167 13.48 6.96 -14.56
N ILE B 168 12.76 7.64 -13.65
CA ILE B 168 12.08 8.90 -13.97
C ILE B 168 12.56 9.96 -12.99
N ALA B 169 13.21 11.01 -13.49
CA ALA B 169 13.68 12.11 -12.63
C ALA B 169 12.95 13.38 -13.03
N VAL B 170 12.19 13.97 -12.11
CA VAL B 170 11.40 15.15 -12.43
C VAL B 170 12.11 16.41 -11.97
N HIS B 171 11.97 17.48 -12.75
CA HIS B 171 12.32 18.83 -12.32
C HIS B 171 11.19 19.76 -12.70
N PHE B 172 11.32 21.04 -12.34
CA PHE B 172 10.23 21.99 -12.50
C PHE B 172 9.79 22.16 -13.94
N ASN B 173 10.67 21.89 -14.91
CA ASN B 173 10.35 22.15 -16.31
C ASN B 173 10.50 20.92 -17.19
N GLY B 174 10.49 19.72 -16.63
CA GLY B 174 10.64 18.56 -17.49
C GLY B 174 10.99 17.31 -16.70
N VAL B 175 11.44 16.31 -17.46
CA VAL B 175 11.71 14.97 -16.95
C VAL B 175 12.94 14.43 -17.64
N VAL B 176 13.81 13.77 -16.88
CA VAL B 176 14.88 12.94 -17.47
C VAL B 176 14.50 11.50 -17.21
N SER B 177 14.32 10.73 -18.28
CA SER B 177 13.85 9.35 -18.13
C SER B 177 14.34 8.53 -19.32
N ASN B 178 14.53 7.22 -19.11
CA ASN B 178 14.78 6.32 -20.22
C ASN B 178 13.51 5.57 -20.65
N LEU B 179 12.34 5.92 -20.09
CA LEU B 179 11.10 5.53 -20.72
C LEU B 179 10.85 6.41 -21.94
N ASP B 180 9.96 5.95 -22.81
CA ASP B 180 9.54 6.68 -24.01
C ASP B 180 8.19 7.36 -23.72
N LEU B 181 8.24 8.65 -23.33
CA LEU B 181 7.09 9.34 -22.76
C LEU B 181 6.46 10.30 -23.77
N SER B 182 5.13 10.37 -23.75
CA SER B 182 4.41 11.36 -24.54
C SER B 182 4.49 12.72 -23.86
N ASP B 183 4.18 13.77 -24.65
CA ASP B 183 4.14 15.11 -24.09
C ASP B 183 3.15 15.19 -22.93
N GLU B 184 2.00 14.53 -23.07
CA GLU B 184 0.99 14.55 -22.01
C GLU B 184 1.48 13.84 -20.75
N GLU B 185 2.23 12.74 -20.91
CA GLU B 185 2.75 12.03 -19.74
C GLU B 185 3.83 12.84 -19.02
N VAL B 186 4.71 13.49 -19.77
CA VAL B 186 5.69 14.40 -19.17
C VAL B 186 4.97 15.50 -18.40
N ASN B 187 3.97 16.11 -19.03
CA ASN B 187 3.26 17.23 -18.41
C ASN B 187 2.58 16.81 -17.11
N GLU B 188 2.04 15.59 -17.06
CA GLU B 188 1.35 15.17 -15.84
C GLU B 188 2.34 15.01 -14.68
N ILE B 189 3.51 14.43 -14.95
CA ILE B 189 4.51 14.30 -13.89
C ILE B 189 4.95 15.68 -13.40
N VAL B 190 5.28 16.57 -14.35
CA VAL B 190 5.77 17.90 -13.96
C VAL B 190 4.68 18.69 -13.24
N PHE B 191 3.45 18.66 -13.75
CA PHE B 191 2.36 19.39 -13.10
C PHE B 191 2.15 18.90 -11.67
N ARG B 192 2.11 17.57 -11.48
CA ARG B 192 1.96 17.05 -10.12
C ARG B 192 3.11 17.48 -9.22
N PHE B 193 4.34 17.57 -9.78
CA PHE B 193 5.48 18.02 -8.99
C PHE B 193 5.35 19.49 -8.60
N ARG B 194 4.91 20.32 -9.54
CA ARG B 194 4.70 21.74 -9.23
C ARG B 194 3.70 21.91 -8.09
N LEU B 195 2.58 21.16 -8.14
CA LEU B 195 1.59 21.23 -7.07
C LEU B 195 2.14 20.67 -5.77
N ALA B 196 2.87 19.54 -5.86
CA ALA B 196 3.45 18.95 -4.65
C ALA B 196 4.39 19.91 -3.95
N ARG B 197 5.20 20.67 -4.72
CA ARG B 197 6.11 21.61 -4.09
C ARG B 197 5.35 22.73 -3.39
N ASP B 198 4.27 23.20 -4.00
CA ASP B 198 3.48 24.25 -3.37
C ASP B 198 2.85 23.76 -2.08
N ILE B 199 2.26 22.56 -2.11
CA ILE B 199 1.66 22.00 -0.90
C ILE B 199 2.71 21.81 0.18
N PHE B 200 3.87 21.26 -0.19
CA PHE B 200 4.91 20.97 0.78
C PHE B 200 5.38 22.22 1.50
N GLU B 201 5.50 23.35 0.79
CA GLU B 201 5.92 24.57 1.47
C GLU B 201 4.87 25.03 2.46
N GLU B 202 3.60 24.83 2.14
CA GLU B 202 2.54 25.12 3.11
C GLU B 202 2.59 24.16 4.30
N LEU B 203 2.91 22.89 4.05
CA LEU B 203 2.90 21.88 5.10
C LEU B 203 3.97 22.18 6.16
N ARG B 204 5.17 22.56 5.75
CA ARG B 204 6.23 22.72 6.73
C ARG B 204 6.18 24.07 7.44
N GLU B 205 5.19 24.91 7.14
CA GLU B 205 4.84 26.03 8.01
C GLU B 205 3.83 25.62 9.07
N ILE B 206 3.81 24.35 9.46
CA ILE B 206 2.89 23.84 10.47
C ILE B 206 3.62 22.85 11.37
MN MN3 C . -7.24 -1.24 13.01
MN MN3 D . -5.88 1.47 10.52
S SO4 E . -4.52 -22.68 21.95
O1 SO4 E . -4.26 -24.06 21.57
O2 SO4 E . -3.36 -22.12 22.62
O3 SO4 E . -5.69 -22.64 22.83
O4 SO4 E . -4.79 -21.92 20.73
S SO4 F . -9.36 -16.00 28.19
O1 SO4 F . -8.10 -15.59 27.54
O2 SO4 F . -9.90 -17.16 27.48
O3 SO4 F . -10.32 -14.90 28.13
O4 SO4 F . -9.09 -16.34 29.58
S SO4 G . -4.86 -1.62 17.91
O1 SO4 G . -4.20 -2.85 17.51
O2 SO4 G . -4.04 -0.49 17.45
O3 SO4 G . -6.19 -1.52 17.33
O4 SO4 G . -4.95 -1.59 19.36
C1 GOL H . -6.44 -18.74 7.15
O1 GOL H . -6.75 -17.39 6.90
C2 GOL H . -5.76 -19.32 5.89
O2 GOL H . -5.17 -18.36 5.09
C3 GOL H . -4.74 -20.33 6.42
O3 GOL H . -4.00 -20.79 5.33
MN MN3 I . 12.16 6.99 -5.53
MN MN3 J . 11.07 4.60 -2.73
S SO4 K . 14.15 11.95 -4.21
O1 SO4 K . 14.36 10.66 -4.86
O2 SO4 K . 14.72 13.02 -5.03
O3 SO4 K . 12.73 12.23 -4.07
O4 SO4 K . 14.81 11.94 -2.91
C1 GOL L . -4.51 8.94 -8.58
O1 GOL L . -4.16 9.20 -9.90
C2 GOL L . -3.43 9.57 -7.68
O2 GOL L . -3.44 10.96 -7.78
C3 GOL L . -3.80 9.10 -6.26
O3 GOL L . -2.76 9.48 -5.42
#